data_5EWZ
#
_entry.id   5EWZ
#
_cell.length_a   73.660
_cell.length_b   104.920
_cell.length_c   116.030
_cell.angle_alpha   90.000
_cell.angle_beta   90.000
_cell.angle_gamma   90.000
#
_symmetry.space_group_name_H-M   'P 21 21 21'
#
loop_
_entity.id
_entity.type
_entity.pdbx_description
1 polymer '14-3-3 protein zeta/delta'
2 polymer 'GRB2-associated-binding protein 2'
3 polymer 'GRB2-associated-binding protein 2'
4 non-polymer 'BENZOIC ACID'
5 water water
#
loop_
_entity_poly.entity_id
_entity_poly.type
_entity_poly.pdbx_seq_one_letter_code
_entity_poly.pdbx_strand_id
1 'polypeptide(L)'
;MDKNELVQKAKLAEQAERYDDMAACMKSVTEQGAELSNEERNLLSVAYKNVVGARRSSWRVVSSIEQKTEGAEKKQQMAR
EYREKIETELRDICNDVLSLLEKFLIPNASQAESKVFYLKMKGDYYRYLAEVAAGDDKKGIVDQSQQAYQEAFEISKKEM
QPTHPIRLGLALNFSVFYYEILNSPEKACSLAKTAFDEAIAELDTLSEESYKDSTLIMQLLRDNLTLWTS
;
A,B
2 'polypeptide(L)' PRRN(TPO)LPAM C
3 'polypeptide(L)' RSA(SEP)FS D
#
# COMPACT_ATOMS: atom_id res chain seq x y z
N ASP A 2 -28.26 -9.78 0.17
CA ASP A 2 -27.85 -11.21 0.37
C ASP A 2 -26.44 -11.25 0.98
N LYS A 3 -26.29 -11.97 2.10
CA LYS A 3 -25.01 -12.09 2.81
C LYS A 3 -24.00 -12.77 1.91
N ASN A 4 -24.45 -13.79 1.15
CA ASN A 4 -23.59 -14.57 0.27
C ASN A 4 -22.89 -13.65 -0.75
N GLU A 5 -23.62 -12.67 -1.28
CA GLU A 5 -23.11 -11.73 -2.28
C GLU A 5 -22.12 -10.70 -1.67
N LEU A 6 -22.43 -10.18 -0.47
CA LEU A 6 -21.50 -9.32 0.25
C LEU A 6 -20.17 -10.00 0.57
N VAL A 7 -20.21 -11.31 0.82
CA VAL A 7 -19.03 -12.09 1.15
C VAL A 7 -18.16 -12.36 -0.08
N GLN A 8 -18.82 -12.55 -1.22
CA GLN A 8 -18.16 -12.67 -2.53
C GLN A 8 -17.41 -11.39 -2.93
N LYS A 9 -18.04 -10.23 -2.78
CA LYS A 9 -17.39 -8.91 -3.00
C LYS A 9 -16.16 -8.70 -2.09
N ALA A 10 -16.29 -9.09 -0.81
CA ALA A 10 -15.18 -9.00 0.15
C ALA A 10 -13.95 -9.76 -0.34
N LYS A 11 -14.16 -11.00 -0.80
CA LYS A 11 -13.05 -11.78 -1.35
C LYS A 11 -12.42 -11.09 -2.55
N LEU A 12 -13.26 -10.62 -3.47
CA LEU A 12 -12.82 -9.93 -4.67
C LEU A 12 -11.95 -8.69 -4.33
N ALA A 13 -12.44 -7.84 -3.44
CA ALA A 13 -11.70 -6.71 -2.88
C ALA A 13 -10.33 -7.18 -2.36
N GLU A 14 -10.32 -8.26 -1.55
CA GLU A 14 -9.06 -8.82 -1.04
C GLU A 14 -7.99 -9.12 -2.10
N GLN A 15 -8.43 -9.79 -3.17
CA GLN A 15 -7.52 -10.25 -4.23
C GLN A 15 -7.01 -9.02 -5.03
N ALA A 16 -7.83 -7.96 -5.13
CA ALA A 16 -7.40 -6.64 -5.68
C ALA A 16 -6.56 -5.75 -4.73
N GLU A 17 -6.38 -6.16 -3.47
CA GLU A 17 -5.67 -5.40 -2.44
C GLU A 17 -6.33 -4.04 -2.15
N ARG A 18 -7.66 -4.04 -2.19
CA ARG A 18 -8.51 -2.88 -1.91
C ARG A 18 -9.23 -3.06 -0.54
N TYR A 19 -8.47 -2.79 0.54
CA TYR A 19 -8.86 -3.18 1.89
C TYR A 19 -9.95 -2.32 2.49
N ASP A 20 -10.03 -1.03 2.10
CA ASP A 20 -11.16 -0.22 2.60
C ASP A 20 -12.50 -0.81 2.10
N ASP A 21 -12.58 -1.18 0.81
CA ASP A 21 -13.76 -1.85 0.19
C ASP A 21 -14.07 -3.18 0.93
N MET A 22 -13.04 -3.98 1.23
CA MET A 22 -13.19 -5.23 1.95
C MET A 22 -13.76 -4.95 3.36
N ALA A 23 -13.29 -3.90 4.02
CA ALA A 23 -13.81 -3.61 5.35
C ALA A 23 -15.24 -3.15 5.37
N ALA A 24 -15.67 -2.34 4.41
CA ALA A 24 -17.06 -1.91 4.31
C ALA A 24 -18.02 -3.08 4.02
N CYS A 25 -17.61 -4.05 3.22
CA CYS A 25 -18.48 -5.22 2.95
C CYS A 25 -18.70 -6.08 4.24
N MET A 26 -17.58 -6.47 4.90
CA MET A 26 -17.63 -7.16 6.20
C MET A 26 -18.32 -6.42 7.38
N LYS A 27 -18.29 -5.08 7.41
CA LYS A 27 -19.10 -4.35 8.36
C LYS A 27 -20.59 -4.54 8.04
N SER A 28 -20.96 -4.52 6.74
CA SER A 28 -22.38 -4.75 6.42
C SER A 28 -22.83 -6.15 6.79
N VAL A 29 -22.05 -7.18 6.51
CA VAL A 29 -22.44 -8.57 6.87
C VAL A 29 -22.72 -8.66 8.37
N THR A 30 -21.77 -8.15 9.18
CA THR A 30 -21.88 -8.14 10.64
C THR A 30 -23.19 -7.46 11.11
N GLU A 31 -23.42 -6.24 10.61
CA GLU A 31 -24.64 -5.47 10.84
C GLU A 31 -26.00 -6.20 10.51
N GLN A 32 -26.00 -7.31 9.75
CA GLN A 32 -27.22 -8.13 9.60
C GLN A 32 -27.63 -8.90 10.87
N GLY A 33 -26.75 -8.99 11.86
CA GLY A 33 -27.15 -9.51 13.18
C GLY A 33 -27.06 -11.03 13.40
N ALA A 34 -26.68 -11.79 12.37
CA ALA A 34 -26.45 -13.23 12.57
C ALA A 34 -24.97 -13.45 12.96
N GLU A 35 -24.73 -14.46 13.81
CA GLU A 35 -23.41 -14.96 14.16
C GLU A 35 -22.48 -15.28 12.91
N LEU A 36 -21.22 -14.83 12.91
CA LEU A 36 -20.35 -15.04 11.73
C LEU A 36 -19.81 -16.47 11.66
N SER A 37 -19.66 -17.02 10.45
CA SER A 37 -18.92 -18.30 10.24
C SER A 37 -17.42 -18.09 10.50
N ASN A 38 -16.64 -19.17 10.59
CA ASN A 38 -15.20 -19.09 10.82
C ASN A 38 -14.53 -18.37 9.66
N GLU A 39 -15.01 -18.64 8.45
CA GLU A 39 -14.52 -17.96 7.26
C GLU A 39 -14.76 -16.42 7.31
N GLU A 40 -15.97 -15.99 7.70
CA GLU A 40 -16.35 -14.57 7.72
C GLU A 40 -15.60 -13.77 8.82
N ARG A 41 -15.38 -14.43 9.96
CA ARG A 41 -14.67 -13.84 11.07
C ARG A 41 -13.22 -13.55 10.68
N ASN A 42 -12.56 -14.49 9.97
CA ASN A 42 -11.19 -14.24 9.43
C ASN A 42 -11.05 -13.12 8.33
N LEU A 43 -12.11 -12.97 7.55
CA LEU A 43 -12.20 -11.90 6.56
C LEU A 43 -12.26 -10.55 7.26
N LEU A 44 -13.24 -10.40 8.13
CA LEU A 44 -13.37 -9.18 8.95
C LEU A 44 -12.01 -8.77 9.61
N SER A 45 -11.38 -9.70 10.29
CA SER A 45 -10.14 -9.45 10.97
C SER A 45 -8.96 -9.04 9.98
N VAL A 46 -8.82 -9.71 8.83
CA VAL A 46 -7.85 -9.33 7.79
C VAL A 46 -8.07 -7.91 7.16
N ALA A 47 -9.31 -7.58 6.77
CA ALA A 47 -9.65 -6.25 6.28
C ALA A 47 -9.17 -5.16 7.29
N TYR A 48 -9.61 -5.25 8.55
CA TYR A 48 -9.31 -4.21 9.49
C TYR A 48 -7.86 -4.16 9.94
N LYS A 49 -7.19 -5.30 9.98
CA LYS A 49 -5.77 -5.32 10.30
C LYS A 49 -4.98 -4.46 9.28
N ASN A 50 -5.26 -4.64 7.98
CA ASN A 50 -4.61 -3.88 6.93
C ASN A 50 -4.99 -2.39 6.87
N VAL A 51 -6.26 -2.05 7.13
CA VAL A 51 -6.72 -0.64 7.14
C VAL A 51 -6.05 0.17 8.33
N VAL A 52 -6.07 -0.40 9.53
CA VAL A 52 -5.45 0.26 10.68
C VAL A 52 -3.91 0.22 10.63
N GLY A 53 -3.31 -0.89 10.15
CA GLY A 53 -1.86 -1.00 9.94
C GLY A 53 -1.24 0.12 9.10
N ALA A 54 -1.92 0.46 7.99
CA ALA A 54 -1.40 1.53 7.16
C ALA A 54 -1.20 2.86 7.94
N ARG A 55 -2.18 3.21 8.77
CA ARG A 55 -2.11 4.42 9.58
C ARG A 55 -1.02 4.34 10.64
N ARG A 56 -1.00 3.24 11.39
CA ARG A 56 -0.02 3.11 12.47
C ARG A 56 1.42 3.28 11.88
N SER A 57 1.71 2.63 10.76
CA SER A 57 3.01 2.71 10.12
C SER A 57 3.34 4.18 9.76
N SER A 58 2.41 4.87 9.11
CA SER A 58 2.53 6.33 8.85
C SER A 58 2.76 7.23 10.11
N TRP A 59 2.00 6.94 11.18
CA TRP A 59 2.07 7.63 12.45
C TRP A 59 3.49 7.59 13.04
N ARG A 60 4.13 6.43 12.98
CA ARG A 60 5.46 6.26 13.53
C ARG A 60 6.47 7.05 12.70
N VAL A 61 6.40 6.96 11.37
CA VAL A 61 7.25 7.77 10.47
C VAL A 61 7.20 9.30 10.79
N VAL A 62 6.00 9.87 10.86
CA VAL A 62 5.82 11.30 11.04
C VAL A 62 6.15 11.78 12.46
N SER A 63 5.83 10.95 13.44
CA SER A 63 6.03 11.28 14.85
C SER A 63 7.52 11.32 15.11
N SER A 64 8.23 10.35 14.54
CA SER A 64 9.68 10.31 14.63
C SER A 64 10.40 11.45 13.87
N ILE A 65 9.74 12.11 12.93
CA ILE A 65 10.35 13.25 12.23
C ILE A 65 10.13 14.50 13.06
N GLU A 66 8.96 14.57 13.66
CA GLU A 66 8.56 15.69 14.46
C GLU A 66 9.47 15.87 15.67
N GLN A 67 9.89 14.77 16.28
CA GLN A 67 10.69 14.84 17.50
C GLN A 67 12.15 15.16 17.18
N LYS A 68 12.68 14.48 16.17
CA LYS A 68 14.06 14.66 15.76
C LYS A 68 14.42 16.09 15.37
N THR A 69 13.42 16.90 15.01
CA THR A 69 13.71 18.28 14.55
C THR A 69 13.78 19.30 15.71
N GLU A 70 15.01 19.62 16.13
CA GLU A 70 15.26 20.73 17.07
C GLU A 70 15.15 22.09 16.35
N GLY A 71 14.16 22.88 16.71
CA GLY A 71 13.98 24.16 16.05
C GLY A 71 13.03 24.15 14.88
N ALA A 72 13.38 24.90 13.84
CA ALA A 72 12.53 25.14 12.67
C ALA A 72 11.02 25.18 12.85
N GLU A 73 10.60 26.08 13.74
CA GLU A 73 9.30 26.02 14.34
C GLU A 73 8.11 26.10 13.42
N LYS A 74 8.33 26.37 12.14
CA LYS A 74 7.26 26.30 11.16
C LYS A 74 7.16 24.89 10.54
N LYS A 75 8.32 24.22 10.45
CA LYS A 75 8.43 22.83 9.99
C LYS A 75 7.97 21.81 11.07
N GLN A 76 8.32 22.08 12.33
CA GLN A 76 7.85 21.26 13.44
C GLN A 76 6.34 21.40 13.63
N GLN A 77 5.82 22.61 13.44
CA GLN A 77 4.38 22.87 13.52
C GLN A 77 3.57 22.10 12.46
N MET A 78 4.14 22.01 11.26
CA MET A 78 3.46 21.38 10.16
C MET A 78 3.46 19.84 10.31
N ALA A 79 4.60 19.27 10.67
CA ALA A 79 4.68 17.90 11.17
C ALA A 79 3.65 17.55 12.26
N ARG A 80 3.53 18.39 13.29
CA ARG A 80 2.59 18.18 14.40
C ARG A 80 1.18 18.14 13.84
N GLU A 81 0.86 19.08 12.95
CA GLU A 81 -0.44 19.10 12.30
C GLU A 81 -0.76 17.85 11.48
N TYR A 82 0.23 17.35 10.75
CA TYR A 82 0.06 16.18 9.92
C TYR A 82 -0.11 14.90 10.79
N ARG A 83 0.62 14.80 11.90
CA ARG A 83 0.49 13.73 12.86
C ARG A 83 -0.91 13.64 13.46
N GLU A 84 -1.46 14.81 13.82
CA GLU A 84 -2.84 14.92 14.32
C GLU A 84 -3.94 14.49 13.34
N LYS A 85 -3.81 14.90 12.08
CA LYS A 85 -4.69 14.41 11.02
C LYS A 85 -4.65 12.84 10.85
N ILE A 86 -3.46 12.23 10.79
CA ILE A 86 -3.32 10.77 10.81
C ILE A 86 -3.98 10.08 12.06
N GLU A 87 -3.75 10.66 13.24
CA GLU A 87 -4.36 10.24 14.47
C GLU A 87 -5.87 10.24 14.40
N THR A 88 -6.48 11.27 13.80
CA THR A 88 -7.95 11.32 13.66
C THR A 88 -8.49 10.17 12.77
N GLU A 89 -7.81 9.83 11.67
CA GLU A 89 -8.19 8.66 10.84
C GLU A 89 -8.11 7.36 11.65
N LEU A 90 -6.99 7.17 12.35
CA LEU A 90 -6.74 6.00 13.16
C LEU A 90 -7.75 5.77 14.30
N ARG A 91 -8.11 6.84 15.04
CA ARG A 91 -9.15 6.79 16.08
C ARG A 91 -10.54 6.40 15.56
N ASP A 92 -10.90 6.90 14.39
CA ASP A 92 -12.16 6.56 13.76
C ASP A 92 -12.24 5.07 13.45
N ILE A 93 -11.17 4.52 12.87
CA ILE A 93 -11.15 3.12 12.52
C ILE A 93 -11.30 2.24 13.81
N CYS A 94 -10.48 2.50 14.84
CA CYS A 94 -10.58 1.77 16.05
C CYS A 94 -12.01 1.81 16.66
N ASN A 95 -12.60 3.02 16.77
CA ASN A 95 -13.98 3.21 17.27
C ASN A 95 -15.11 2.44 16.46
N ASP A 96 -14.92 2.30 15.15
CA ASP A 96 -15.84 1.50 14.35
C ASP A 96 -15.77 0.03 14.74
N VAL A 97 -14.55 -0.51 14.78
CA VAL A 97 -14.30 -1.91 15.15
C VAL A 97 -14.87 -2.18 16.55
N LEU A 98 -14.51 -1.32 17.49
CA LEU A 98 -14.86 -1.50 18.89
C LEU A 98 -16.39 -1.47 19.07
N SER A 99 -17.06 -0.67 18.25
CA SER A 99 -18.47 -0.63 18.35
C SER A 99 -19.19 -1.88 17.75
N LEU A 100 -18.67 -2.45 16.65
CA LEU A 100 -19.16 -3.75 16.14
C LEU A 100 -19.01 -4.87 17.17
N LEU A 101 -17.90 -4.86 17.89
CA LEU A 101 -17.63 -5.91 18.87
C LEU A 101 -18.59 -5.84 20.05
N GLU A 102 -18.89 -4.63 20.49
CA GLU A 102 -19.79 -4.40 21.62
C GLU A 102 -21.25 -4.67 21.28
N LYS A 103 -21.74 -4.22 20.13
CA LYS A 103 -23.13 -4.36 19.73
C LYS A 103 -23.53 -5.76 19.16
N PHE A 104 -22.64 -6.40 18.37
CA PHE A 104 -22.97 -7.65 17.66
C PHE A 104 -22.09 -8.84 18.05
N LEU A 105 -20.75 -8.68 18.07
CA LEU A 105 -19.94 -9.92 18.00
C LEU A 105 -19.72 -10.65 19.29
N ILE A 106 -19.39 -9.92 20.36
CA ILE A 106 -19.16 -10.52 21.66
C ILE A 106 -20.48 -11.05 22.34
N PRO A 107 -21.60 -10.27 22.36
CA PRO A 107 -22.82 -10.78 23.06
C PRO A 107 -23.37 -12.06 22.42
N ASN A 108 -23.13 -12.23 21.13
CA ASN A 108 -23.63 -13.32 20.35
C ASN A 108 -22.74 -14.55 20.25
N ALA A 109 -21.50 -14.43 20.71
CA ALA A 109 -20.53 -15.50 20.51
C ALA A 109 -20.91 -16.70 21.37
N SER A 110 -21.24 -17.82 20.72
CA SER A 110 -21.85 -18.98 21.40
C SER A 110 -20.90 -20.19 21.70
N GLN A 111 -19.61 -20.07 21.38
CA GLN A 111 -18.53 -21.04 21.63
C GLN A 111 -17.32 -20.33 22.31
N ALA A 112 -16.55 -21.05 23.13
CA ALA A 112 -15.35 -20.50 23.76
C ALA A 112 -14.31 -19.96 22.72
N GLU A 113 -14.16 -20.70 21.62
CA GLU A 113 -13.19 -20.37 20.58
C GLU A 113 -13.45 -18.96 20.07
N SER A 114 -14.72 -18.68 19.75
CA SER A 114 -15.09 -17.43 19.13
C SER A 114 -15.18 -16.29 20.14
N LYS A 115 -15.64 -16.57 21.35
CA LYS A 115 -15.63 -15.55 22.38
C LYS A 115 -14.18 -15.11 22.80
N VAL A 116 -13.24 -16.07 22.95
CA VAL A 116 -11.80 -15.73 23.10
C VAL A 116 -11.24 -14.85 21.93
N PHE A 117 -11.55 -15.20 20.69
CA PHE A 117 -11.13 -14.45 19.52
C PHE A 117 -11.59 -12.96 19.58
N TYR A 118 -12.85 -12.73 19.93
CA TYR A 118 -13.38 -11.36 19.88
C TYR A 118 -12.90 -10.54 21.07
N LEU A 119 -12.65 -11.21 22.20
CA LEU A 119 -12.12 -10.56 23.37
C LEU A 119 -10.68 -10.10 23.11
N LYS A 120 -9.89 -10.97 22.52
CA LYS A 120 -8.49 -10.62 22.15
C LYS A 120 -8.46 -9.43 21.19
N MET A 121 -9.36 -9.43 20.21
CA MET A 121 -9.55 -8.26 19.29
C MET A 121 -9.92 -6.91 20.01
N LYS A 122 -10.76 -6.98 21.05
CA LYS A 122 -11.05 -5.81 21.85
C LYS A 122 -9.79 -5.27 22.54
N GLY A 123 -9.02 -6.18 23.15
CA GLY A 123 -7.75 -5.75 23.81
C GLY A 123 -6.79 -5.12 22.78
N ASP A 124 -6.73 -5.67 21.56
CA ASP A 124 -5.82 -5.19 20.51
C ASP A 124 -6.17 -3.75 20.10
N TYR A 125 -7.46 -3.50 19.85
CA TYR A 125 -7.90 -2.23 19.31
C TYR A 125 -7.87 -1.13 20.43
N TYR A 126 -8.14 -1.49 21.70
CA TYR A 126 -7.88 -0.52 22.78
C TYR A 126 -6.36 -0.22 22.90
N ARG A 127 -5.50 -1.24 22.77
CA ARG A 127 -4.04 -1.03 22.72
C ARG A 127 -3.61 -0.08 21.57
N TYR A 128 -4.19 -0.21 20.37
CA TYR A 128 -3.86 0.75 19.31
C TYR A 128 -4.23 2.18 19.69
N LEU A 129 -5.39 2.38 20.35
CA LEU A 129 -5.76 3.72 20.85
C LEU A 129 -4.77 4.19 21.93
N ALA A 130 -4.25 3.23 22.70
CA ALA A 130 -3.29 3.63 23.75
C ALA A 130 -1.91 4.07 23.21
N GLU A 131 -1.50 3.57 22.04
CA GLU A 131 -0.22 3.97 21.44
C GLU A 131 -0.21 5.48 21.13
N VAL A 132 -1.39 6.04 20.85
CA VAL A 132 -1.54 7.45 20.47
C VAL A 132 -2.42 8.32 21.45
N ALA A 133 -2.72 7.83 22.66
CA ALA A 133 -3.55 8.59 23.61
C ALA A 133 -2.80 9.76 24.30
N ALA A 134 -3.53 10.86 24.47
CA ALA A 134 -3.11 12.07 25.24
C ALA A 134 -2.98 11.59 26.69
N GLY A 135 -2.26 12.35 27.51
CA GLY A 135 -1.98 11.95 28.88
C GLY A 135 -3.10 11.96 29.92
N ASP A 136 -4.23 12.60 29.61
CA ASP A 136 -5.32 12.71 30.60
C ASP A 136 -6.27 11.51 30.36
N ASP A 137 -6.38 11.07 29.10
CA ASP A 137 -7.31 9.98 28.71
C ASP A 137 -6.71 8.58 28.69
N LYS A 138 -5.39 8.52 28.83
CA LYS A 138 -4.62 7.31 28.61
C LYS A 138 -4.91 6.20 29.63
N LYS A 139 -4.96 6.56 30.91
CA LYS A 139 -5.06 5.57 31.96
C LYS A 139 -6.38 4.79 31.81
N GLY A 140 -7.46 5.49 31.46
CA GLY A 140 -8.78 4.87 31.20
C GLY A 140 -8.82 3.89 30.01
N ILE A 141 -8.19 4.29 28.91
CA ILE A 141 -7.93 3.45 27.76
C ILE A 141 -7.07 2.20 28.03
N VAL A 142 -5.94 2.37 28.72
CA VAL A 142 -5.07 1.25 29.15
C VAL A 142 -5.85 0.18 29.98
N ASP A 143 -6.74 0.60 30.87
CA ASP A 143 -7.43 -0.37 31.73
C ASP A 143 -8.50 -1.17 30.96
N GLN A 144 -9.16 -0.52 30.00
CA GLN A 144 -10.07 -1.22 29.08
C GLN A 144 -9.36 -2.33 28.29
N SER A 145 -8.15 -2.05 27.76
CA SER A 145 -7.31 -3.03 27.04
C SER A 145 -6.99 -4.21 27.96
N GLN A 146 -6.51 -3.90 29.16
CA GLN A 146 -6.14 -4.93 30.13
C GLN A 146 -7.30 -5.88 30.58
N GLN A 147 -8.46 -5.30 30.86
CA GLN A 147 -9.65 -6.10 31.24
C GLN A 147 -10.14 -7.04 30.12
N ALA A 148 -10.07 -6.58 28.87
CA ALA A 148 -10.54 -7.41 27.74
C ALA A 148 -9.58 -8.61 27.57
N TYR A 149 -8.25 -8.35 27.54
CA TYR A 149 -7.23 -9.41 27.52
C TYR A 149 -7.32 -10.39 28.69
N GLN A 150 -7.53 -9.88 29.89
CA GLN A 150 -7.65 -10.74 31.10
C GLN A 150 -8.83 -11.71 31.07
N GLU A 151 -10.00 -11.23 30.64
CA GLU A 151 -11.18 -12.14 30.54
C GLU A 151 -10.95 -13.22 29.42
N ALA A 152 -10.48 -12.79 28.24
CA ALA A 152 -9.98 -13.78 27.24
C ALA A 152 -9.02 -14.81 27.83
N PHE A 153 -8.03 -14.34 28.60
CA PHE A 153 -6.97 -15.23 29.10
C PHE A 153 -7.56 -16.28 30.06
N GLU A 154 -8.53 -15.88 30.85
CA GLU A 154 -9.18 -16.76 31.83
C GLU A 154 -10.06 -17.83 31.16
N ILE A 155 -10.83 -17.45 30.14
CA ILE A 155 -11.63 -18.43 29.37
C ILE A 155 -10.73 -19.45 28.64
N SER A 156 -9.68 -18.97 27.96
CA SER A 156 -8.84 -19.87 27.19
C SER A 156 -8.10 -20.88 28.07
N LYS A 157 -7.68 -20.47 29.24
CA LYS A 157 -6.98 -21.38 30.13
C LYS A 157 -7.92 -22.48 30.73
N LYS A 158 -9.15 -22.12 31.08
CA LYS A 158 -10.25 -23.08 31.39
C LYS A 158 -10.77 -23.99 30.22
N GLU A 159 -10.92 -23.47 28.99
CA GLU A 159 -11.60 -24.23 27.90
C GLU A 159 -10.77 -24.83 26.72
N MET A 160 -9.53 -24.37 26.51
CA MET A 160 -8.76 -24.72 25.30
C MET A 160 -7.48 -25.44 25.69
N GLN A 161 -6.97 -26.31 24.81
CA GLN A 161 -5.62 -26.94 24.99
C GLN A 161 -4.46 -25.96 24.87
N PRO A 162 -3.32 -26.20 25.58
CA PRO A 162 -2.15 -25.28 25.51
C PRO A 162 -1.57 -25.01 24.12
N THR A 163 -1.70 -25.98 23.20
CA THR A 163 -1.29 -25.83 21.78
C THR A 163 -2.30 -25.20 20.81
N HIS A 164 -3.53 -24.88 21.25
CA HIS A 164 -4.50 -24.21 20.38
C HIS A 164 -3.98 -22.87 19.87
N PRO A 165 -4.00 -22.65 18.55
CA PRO A 165 -3.44 -21.40 17.96
C PRO A 165 -4.00 -20.08 18.50
N ILE A 166 -5.31 -20.07 18.78
CA ILE A 166 -5.95 -18.88 19.32
C ILE A 166 -5.50 -18.60 20.77
N ARG A 167 -5.32 -19.64 21.57
CA ARG A 167 -4.73 -19.47 22.89
C ARG A 167 -3.25 -18.95 22.84
N LEU A 168 -2.47 -19.48 21.95
CA LEU A 168 -1.08 -19.08 21.78
C LEU A 168 -0.92 -17.61 21.26
N GLY A 169 -1.76 -17.21 20.29
CA GLY A 169 -1.79 -15.84 19.76
C GLY A 169 -2.22 -14.80 20.82
N LEU A 170 -3.12 -15.21 21.73
CA LEU A 170 -3.55 -14.29 22.78
C LEU A 170 -2.36 -14.04 23.77
N ALA A 171 -1.62 -15.09 24.13
CA ALA A 171 -0.47 -14.93 25.05
C ALA A 171 0.66 -14.11 24.39
N LEU A 172 0.87 -14.27 23.10
CA LEU A 172 1.79 -13.46 22.34
C LEU A 172 1.43 -11.98 22.42
N ASN A 173 0.17 -11.62 22.10
CA ASN A 173 -0.25 -10.18 22.18
C ASN A 173 -0.34 -9.58 23.63
N PHE A 174 -0.82 -10.34 24.61
CA PHE A 174 -0.97 -9.88 26.00
C PHE A 174 0.43 -9.54 26.61
N SER A 175 1.40 -10.39 26.31
CA SER A 175 2.74 -10.25 26.75
C SER A 175 3.45 -9.02 26.14
N VAL A 176 3.16 -8.70 24.87
CA VAL A 176 3.64 -7.43 24.26
C VAL A 176 2.94 -6.18 24.95
N PHE A 177 1.68 -6.33 25.38
CA PHE A 177 0.97 -5.27 26.12
C PHE A 177 1.71 -4.89 27.43
N TYR A 178 2.03 -5.90 28.26
CA TYR A 178 2.90 -5.77 29.45
C TYR A 178 4.22 -5.09 29.09
N TYR A 179 4.96 -5.61 28.11
CA TYR A 179 6.26 -5.00 27.76
C TYR A 179 6.19 -3.52 27.33
N GLU A 180 5.32 -3.18 26.38
CA GLU A 180 5.32 -1.83 25.77
C GLU A 180 4.33 -0.87 26.34
N ILE A 181 3.21 -1.36 26.84
CA ILE A 181 2.22 -0.43 27.31
C ILE A 181 2.39 -0.20 28.81
N LEU A 182 2.55 -1.28 29.59
CA LEU A 182 2.78 -1.14 31.03
C LEU A 182 4.29 -1.12 31.42
N ASN A 183 5.21 -1.13 30.45
CA ASN A 183 6.62 -1.10 30.80
C ASN A 183 6.97 -2.10 31.95
N SER A 184 6.50 -3.34 31.88
CA SER A 184 6.79 -4.38 32.89
C SER A 184 7.42 -5.63 32.23
N PRO A 185 8.72 -5.53 31.92
CA PRO A 185 9.38 -6.60 31.17
C PRO A 185 9.44 -7.96 31.89
N GLU A 186 9.43 -7.97 33.23
CA GLU A 186 9.51 -9.24 33.93
C GLU A 186 8.23 -10.06 33.82
N LYS A 187 7.12 -9.36 33.96
CA LYS A 187 5.77 -9.90 33.73
C LYS A 187 5.60 -10.38 32.25
N ALA A 188 5.97 -9.57 31.27
CA ALA A 188 5.96 -9.94 29.84
C ALA A 188 6.73 -11.25 29.51
N CYS A 189 7.99 -11.36 29.99
CA CYS A 189 8.80 -12.55 29.88
C CYS A 189 8.19 -13.75 30.54
N SER A 190 7.73 -13.58 31.76
CA SER A 190 7.17 -14.68 32.52
C SER A 190 5.90 -15.27 31.79
N LEU A 191 5.05 -14.38 31.27
CA LEU A 191 3.81 -14.80 30.57
C LEU A 191 4.12 -15.56 29.25
N ALA A 192 5.10 -15.07 28.47
CA ALA A 192 5.58 -15.74 27.26
C ALA A 192 6.27 -17.11 27.50
N LYS A 193 7.17 -17.17 28.51
CA LYS A 193 7.83 -18.44 28.86
C LYS A 193 6.86 -19.55 29.35
N THR A 194 5.92 -19.22 30.23
CA THR A 194 4.89 -20.21 30.69
C THR A 194 4.05 -20.78 29.51
N ALA A 195 3.61 -19.92 28.60
CA ALA A 195 2.82 -20.38 27.44
C ALA A 195 3.61 -21.26 26.44
N PHE A 196 4.87 -20.91 26.16
CA PHE A 196 5.83 -21.76 25.44
C PHE A 196 6.04 -23.13 26.13
N ASP A 197 6.42 -23.10 27.41
CA ASP A 197 6.62 -24.36 28.14
C ASP A 197 5.36 -25.27 28.25
N GLU A 198 4.19 -24.71 28.54
CA GLU A 198 3.01 -25.58 28.64
C GLU A 198 2.67 -26.19 27.31
N ALA A 199 2.85 -25.45 26.22
CA ALA A 199 2.67 -26.03 24.87
C ALA A 199 3.66 -27.20 24.55
N ILE A 200 4.93 -27.04 24.92
CA ILE A 200 5.97 -28.10 24.75
C ILE A 200 5.56 -29.39 25.48
N ALA A 201 5.01 -29.21 26.68
CA ALA A 201 4.35 -30.27 27.40
C ALA A 201 3.61 -31.23 26.49
N GLU A 202 3.07 -30.74 25.36
CA GLU A 202 2.40 -31.70 24.43
C GLU A 202 3.47 -32.44 23.66
N LEU A 203 4.03 -33.45 24.31
CA LEU A 203 4.65 -34.57 23.63
C LEU A 203 3.53 -35.61 23.45
N ASP A 204 2.29 -35.13 23.36
CA ASP A 204 1.11 -35.98 23.33
C ASP A 204 0.04 -35.78 22.26
N THR A 205 -0.71 -34.71 22.30
CA THR A 205 -1.82 -34.55 21.32
C THR A 205 -1.94 -33.13 20.69
N LEU A 206 -1.64 -33.08 19.40
CA LEU A 206 -1.78 -31.90 18.54
C LEU A 206 -2.28 -32.41 17.16
N SER A 207 -3.40 -31.88 16.66
CA SER A 207 -3.99 -32.39 15.41
C SER A 207 -3.22 -31.95 14.17
N GLU A 208 -3.16 -32.83 13.16
CA GLU A 208 -2.39 -32.63 11.90
C GLU A 208 -2.75 -31.38 11.06
N GLU A 209 -4.02 -30.95 11.11
CA GLU A 209 -4.46 -29.68 10.45
C GLU A 209 -4.11 -28.37 11.23
N SER A 210 -4.00 -28.46 12.56
CA SER A 210 -3.58 -27.31 13.39
C SER A 210 -2.07 -27.16 13.73
N TYR A 211 -1.25 -28.21 13.53
CA TYR A 211 0.14 -28.24 14.04
C TYR A 211 1.10 -27.18 13.46
N LYS A 212 0.94 -26.88 12.17
CA LYS A 212 1.76 -25.88 11.47
C LYS A 212 1.55 -24.47 12.01
N ASP A 213 0.31 -24.15 12.38
CA ASP A 213 0.03 -22.84 12.96
C ASP A 213 0.60 -22.70 14.39
N SER A 214 0.57 -23.77 15.17
CA SER A 214 0.94 -23.71 16.54
C SER A 214 2.44 -23.47 16.67
N THR A 215 3.17 -24.27 15.94
CA THR A 215 4.63 -24.29 15.81
C THR A 215 5.16 -22.92 15.34
N LEU A 216 4.45 -22.26 14.42
CA LEU A 216 4.88 -20.96 13.95
C LEU A 216 4.80 -19.90 15.05
N ILE A 217 3.69 -19.89 15.80
CA ILE A 217 3.49 -18.93 16.90
C ILE A 217 4.39 -19.22 18.13
N MET A 218 4.62 -20.49 18.42
CA MET A 218 5.60 -20.85 19.46
C MET A 218 7.00 -20.22 19.14
N GLN A 219 7.49 -20.36 17.89
CA GLN A 219 8.75 -19.67 17.45
C GLN A 219 8.62 -18.12 17.58
N LEU A 220 7.45 -17.53 17.31
CA LEU A 220 7.30 -16.06 17.59
C LEU A 220 7.46 -15.68 19.08
N LEU A 221 6.91 -16.50 19.99
CA LEU A 221 7.07 -16.29 21.43
C LEU A 221 8.56 -16.33 21.90
N ARG A 222 9.25 -17.36 21.45
CA ARG A 222 10.66 -17.48 21.78
C ARG A 222 11.55 -16.38 21.15
N ASP A 223 11.26 -15.90 19.93
CA ASP A 223 12.01 -14.76 19.33
C ASP A 223 11.81 -13.48 20.20
N ASN A 224 10.59 -13.28 20.74
CA ASN A 224 10.38 -12.14 21.62
C ASN A 224 11.21 -12.28 22.88
N LEU A 225 11.27 -13.48 23.47
CA LEU A 225 12.03 -13.71 24.70
C LEU A 225 13.53 -13.43 24.47
N THR A 226 14.09 -13.99 23.40
CA THR A 226 15.45 -13.67 22.94
C THR A 226 15.70 -12.13 22.82
N LEU A 227 14.82 -11.39 22.13
CA LEU A 227 14.97 -9.93 21.94
C LEU A 227 14.97 -9.20 23.28
N TRP A 228 14.14 -9.64 24.22
CA TRP A 228 13.96 -8.93 25.48
C TRP A 228 15.03 -9.31 26.53
N THR A 229 15.77 -10.38 26.25
CA THR A 229 16.80 -10.86 27.17
C THR A 229 18.18 -10.35 26.74
N SER A 230 18.56 -10.70 25.50
CA SER A 230 19.76 -10.23 24.77
C SER A 230 21.19 -10.41 25.41
N MET B 1 -2.08 26.88 0.91
CA MET B 1 -0.88 27.44 1.62
C MET B 1 0.02 28.24 0.66
N ASP B 2 1.25 28.51 1.11
CA ASP B 2 2.30 29.11 0.28
C ASP B 2 3.18 28.01 -0.39
N LYS B 3 3.73 28.33 -1.57
CA LYS B 3 4.44 27.39 -2.44
C LYS B 3 5.42 26.46 -1.72
N ASN B 4 6.31 27.07 -0.94
CA ASN B 4 7.36 26.37 -0.22
C ASN B 4 6.85 25.39 0.87
N GLU B 5 5.76 25.74 1.55
CA GLU B 5 5.13 24.87 2.56
C GLU B 5 4.41 23.65 1.92
N LEU B 6 3.69 23.91 0.82
CA LEU B 6 3.13 22.87 -0.02
C LEU B 6 4.19 21.77 -0.46
N VAL B 7 5.40 22.21 -0.87
CA VAL B 7 6.46 21.28 -1.30
C VAL B 7 6.93 20.43 -0.12
N GLN B 8 7.07 21.07 1.04
CA GLN B 8 7.50 20.39 2.26
C GLN B 8 6.47 19.35 2.77
N LYS B 9 5.19 19.70 2.72
CA LYS B 9 4.12 18.73 3.02
C LYS B 9 4.10 17.52 2.02
N ALA B 10 4.36 17.78 0.74
CA ALA B 10 4.55 16.71 -0.26
C ALA B 10 5.67 15.70 0.07
N LYS B 11 6.84 16.19 0.48
CA LYS B 11 7.97 15.33 0.92
C LYS B 11 7.66 14.49 2.16
N LEU B 12 7.05 15.12 3.14
CA LEU B 12 6.46 14.47 4.30
C LEU B 12 5.46 13.37 3.90
N ALA B 13 4.42 13.70 3.15
CA ALA B 13 3.51 12.66 2.62
C ALA B 13 4.26 11.52 1.91
N GLU B 14 5.32 11.85 1.18
CA GLU B 14 6.15 10.83 0.53
C GLU B 14 6.74 9.83 1.53
N GLN B 15 7.23 10.32 2.66
CA GLN B 15 7.87 9.47 3.66
C GLN B 15 6.82 8.58 4.36
N ALA B 16 5.63 9.11 4.57
CA ALA B 16 4.51 8.37 5.17
C ALA B 16 3.81 7.38 4.21
N GLU B 17 4.24 7.32 2.94
CA GLU B 17 3.60 6.46 1.90
C GLU B 17 2.10 6.77 1.71
N ARG B 18 1.80 8.06 1.83
CA ARG B 18 0.45 8.61 1.58
C ARG B 18 0.39 9.37 0.23
N TYR B 19 0.29 8.60 -0.86
CA TYR B 19 0.43 9.12 -2.25
C TYR B 19 -0.68 10.02 -2.81
N ASP B 20 -1.92 9.78 -2.40
CA ASP B 20 -3.01 10.70 -2.72
C ASP B 20 -2.74 12.09 -2.17
N ASP B 21 -2.29 12.18 -0.92
CA ASP B 21 -1.98 13.47 -0.33
C ASP B 21 -0.87 14.17 -1.09
N MET B 22 0.20 13.43 -1.37
CA MET B 22 1.35 13.93 -2.12
C MET B 22 0.91 14.51 -3.48
N ALA B 23 -0.02 13.83 -4.17
CA ALA B 23 -0.45 14.30 -5.47
C ALA B 23 -1.30 15.56 -5.38
N ALA B 24 -2.15 15.68 -4.36
CA ALA B 24 -2.94 16.89 -4.18
C ALA B 24 -2.08 18.15 -3.83
N CYS B 25 -1.03 17.98 -3.03
CA CYS B 25 -0.06 19.06 -2.78
C CYS B 25 0.59 19.53 -4.11
N MET B 26 1.12 18.59 -4.90
CA MET B 26 1.83 18.94 -6.13
C MET B 26 0.91 19.42 -7.27
N LYS B 27 -0.36 19.01 -7.24
CA LYS B 27 -1.36 19.58 -8.15
C LYS B 27 -1.54 21.06 -7.82
N SER B 28 -1.68 21.38 -6.54
CA SER B 28 -1.84 22.79 -6.14
C SER B 28 -0.64 23.61 -6.57
N VAL B 29 0.56 23.10 -6.39
CA VAL B 29 1.75 23.84 -6.76
C VAL B 29 1.73 24.17 -8.26
N THR B 30 1.39 23.18 -9.08
CA THR B 30 1.38 23.33 -10.53
C THR B 30 0.37 24.39 -10.94
N GLU B 31 -0.80 24.39 -10.26
CA GLU B 31 -1.89 25.32 -10.56
C GLU B 31 -1.53 26.78 -10.25
N GLN B 32 -0.46 27.08 -9.50
CA GLN B 32 -0.02 28.49 -9.33
C GLN B 32 0.59 29.12 -10.62
N GLY B 33 0.88 28.29 -11.63
CA GLY B 33 1.25 28.78 -12.95
C GLY B 33 2.74 29.09 -13.17
N ALA B 34 3.61 28.85 -12.20
CA ALA B 34 5.05 29.07 -12.44
C ALA B 34 5.79 27.76 -12.91
N GLU B 35 6.73 27.89 -13.85
CA GLU B 35 7.55 26.80 -14.29
C GLU B 35 8.11 25.98 -13.05
N LEU B 36 7.97 24.64 -13.07
CA LEU B 36 8.50 23.73 -11.98
C LEU B 36 10.01 23.52 -12.13
N SER B 37 10.72 23.42 -11.00
CA SER B 37 12.13 23.00 -10.97
C SER B 37 12.27 21.48 -11.19
N ASN B 38 13.47 21.02 -11.49
CA ASN B 38 13.78 19.62 -11.44
C ASN B 38 13.22 18.79 -10.21
N GLU B 39 13.52 19.25 -8.99
CA GLU B 39 13.03 18.65 -7.77
C GLU B 39 11.47 18.58 -7.70
N GLU B 40 10.77 19.63 -8.15
CA GLU B 40 9.32 19.69 -8.12
C GLU B 40 8.64 18.78 -9.12
N ARG B 41 9.19 18.68 -10.32
CA ARG B 41 8.52 17.93 -11.34
C ARG B 41 8.71 16.41 -11.08
N ASN B 42 9.85 16.03 -10.52
CA ASN B 42 10.07 14.66 -10.06
C ASN B 42 9.13 14.24 -8.91
N LEU B 43 8.86 15.16 -7.99
CA LEU B 43 7.86 14.91 -6.96
C LEU B 43 6.47 14.67 -7.56
N LEU B 44 6.06 15.52 -8.49
CA LEU B 44 4.74 15.41 -9.14
C LEU B 44 4.61 14.04 -9.83
N SER B 45 5.69 13.63 -10.46
CA SER B 45 5.71 12.46 -11.30
C SER B 45 5.72 11.18 -10.43
N VAL B 46 6.46 11.17 -9.33
CA VAL B 46 6.40 10.10 -8.36
C VAL B 46 5.03 9.96 -7.71
N ALA B 47 4.34 11.06 -7.40
CA ALA B 47 3.03 11.00 -6.69
C ALA B 47 1.95 10.29 -7.55
N TYR B 48 1.78 10.77 -8.78
CA TYR B 48 0.85 10.22 -9.77
C TYR B 48 1.18 8.81 -10.28
N LYS B 49 2.46 8.47 -10.34
CA LYS B 49 2.83 7.12 -10.76
C LYS B 49 2.39 6.04 -9.72
N ASN B 50 2.48 6.38 -8.43
CA ASN B 50 1.99 5.53 -7.36
C ASN B 50 0.45 5.47 -7.28
N VAL B 51 -0.24 6.60 -7.47
CA VAL B 51 -1.71 6.67 -7.42
C VAL B 51 -2.34 5.86 -8.57
N VAL B 52 -1.92 6.12 -9.80
CA VAL B 52 -2.36 5.37 -10.98
C VAL B 52 -1.87 3.92 -10.94
N GLY B 53 -0.69 3.65 -10.40
CA GLY B 53 -0.18 2.25 -10.37
C GLY B 53 -1.09 1.30 -9.56
N ALA B 54 -1.60 1.77 -8.42
CA ALA B 54 -2.48 0.91 -7.59
C ALA B 54 -3.77 0.51 -8.32
N ARG B 55 -4.42 1.42 -9.04
CA ARG B 55 -5.56 1.09 -9.94
C ARG B 55 -5.27 0.10 -11.11
N ARG B 56 -4.14 0.27 -11.81
CA ARG B 56 -3.78 -0.59 -12.92
C ARG B 56 -3.58 -2.01 -12.41
N SER B 57 -2.81 -2.13 -11.34
CA SER B 57 -2.59 -3.43 -10.67
C SER B 57 -3.90 -4.12 -10.24
N SER B 58 -4.82 -3.40 -9.57
CA SER B 58 -6.15 -3.93 -9.27
C SER B 58 -7.02 -4.29 -10.49
N TRP B 59 -6.88 -3.52 -11.59
CA TRP B 59 -7.64 -3.73 -12.84
C TRP B 59 -7.22 -5.09 -13.50
N ARG B 60 -5.92 -5.36 -13.54
CA ARG B 60 -5.42 -6.59 -14.12
C ARG B 60 -5.93 -7.84 -13.36
N VAL B 61 -5.94 -7.80 -12.02
CA VAL B 61 -6.47 -8.89 -11.18
C VAL B 61 -7.97 -9.16 -11.47
N VAL B 62 -8.83 -8.14 -11.34
CA VAL B 62 -10.28 -8.31 -11.45
C VAL B 62 -10.73 -8.72 -12.88
N SER B 63 -10.13 -8.08 -13.88
CA SER B 63 -10.43 -8.33 -15.28
C SER B 63 -10.03 -9.75 -15.69
N SER B 64 -8.95 -10.29 -15.18
CA SER B 64 -8.63 -11.71 -15.35
C SER B 64 -9.66 -12.69 -14.70
N ILE B 65 -10.05 -12.46 -13.46
CA ILE B 65 -11.06 -13.28 -12.80
C ILE B 65 -12.34 -13.30 -13.63
N GLU B 66 -12.78 -12.12 -14.09
CA GLU B 66 -13.94 -12.00 -14.97
C GLU B 66 -13.81 -12.80 -16.25
N GLN B 67 -12.57 -13.04 -16.67
CA GLN B 67 -12.30 -13.78 -17.89
C GLN B 67 -12.44 -15.29 -17.67
N LYS B 68 -11.69 -15.81 -16.70
CA LYS B 68 -11.74 -17.23 -16.37
C LYS B 68 -12.98 -17.57 -15.54
N THR B 69 -14.13 -17.07 -15.98
CA THR B 69 -15.39 -17.32 -15.27
C THR B 69 -16.49 -17.71 -16.23
N GLU B 73 -23.69 -16.05 -15.58
CA GLU B 73 -23.51 -16.23 -14.13
C GLU B 73 -23.58 -14.88 -13.40
N LYS B 74 -24.02 -14.94 -12.13
CA LYS B 74 -24.10 -13.75 -11.28
C LYS B 74 -22.70 -13.42 -10.76
N LYS B 75 -21.82 -14.42 -10.77
CA LYS B 75 -20.43 -14.25 -10.37
C LYS B 75 -19.66 -13.48 -11.43
N GLN B 76 -20.00 -13.71 -12.70
CA GLN B 76 -19.40 -12.99 -13.82
C GLN B 76 -19.82 -11.55 -13.82
N GLN B 77 -21.12 -11.31 -13.61
CA GLN B 77 -21.65 -9.96 -13.68
C GLN B 77 -21.00 -9.10 -12.57
N MET B 78 -20.75 -9.69 -11.40
CA MET B 78 -20.12 -9.02 -10.27
C MET B 78 -18.71 -8.56 -10.54
N ALA B 79 -17.86 -9.48 -11.00
CA ALA B 79 -16.54 -9.16 -11.45
C ALA B 79 -16.60 -7.99 -12.46
N ARG B 80 -17.44 -8.11 -13.50
CA ARG B 80 -17.66 -7.05 -14.48
C ARG B 80 -17.95 -5.68 -13.87
N GLU B 81 -18.93 -5.60 -12.99
CA GLU B 81 -19.26 -4.30 -12.36
C GLU B 81 -18.10 -3.71 -11.56
N TYR B 82 -17.26 -4.59 -11.00
CA TYR B 82 -16.23 -4.16 -10.06
C TYR B 82 -15.04 -3.68 -10.90
N ARG B 83 -14.82 -4.35 -12.02
CA ARG B 83 -13.88 -3.86 -13.01
C ARG B 83 -14.27 -2.48 -13.59
N GLU B 84 -15.55 -2.15 -13.61
CA GLU B 84 -15.98 -0.86 -14.20
C GLU B 84 -15.79 0.32 -13.25
N LYS B 85 -15.90 0.01 -11.97
CA LYS B 85 -15.78 1.03 -10.93
C LYS B 85 -14.28 1.41 -10.82
N ILE B 86 -13.41 0.41 -10.94
CA ILE B 86 -11.95 0.60 -10.97
C ILE B 86 -11.52 1.39 -12.23
N GLU B 87 -12.09 1.09 -13.42
CA GLU B 87 -11.87 1.84 -14.64
C GLU B 87 -12.19 3.31 -14.53
N THR B 88 -13.31 3.65 -13.91
CA THR B 88 -13.68 5.04 -13.69
C THR B 88 -12.68 5.81 -12.82
N GLU B 89 -12.28 5.23 -11.68
CA GLU B 89 -11.21 5.82 -10.86
C GLU B 89 -9.93 6.06 -11.70
N LEU B 90 -9.53 5.07 -12.51
CA LEU B 90 -8.34 5.16 -13.35
C LEU B 90 -8.41 6.33 -14.41
N ARG B 91 -9.54 6.44 -15.14
CA ARG B 91 -9.69 7.49 -16.16
C ARG B 91 -9.69 8.87 -15.54
N ASP B 92 -10.39 9.06 -14.40
CA ASP B 92 -10.39 10.33 -13.68
C ASP B 92 -8.94 10.76 -13.32
N ILE B 93 -8.09 9.82 -12.92
CA ILE B 93 -6.69 10.11 -12.59
C ILE B 93 -5.86 10.56 -13.82
N CYS B 94 -5.94 9.80 -14.91
CA CYS B 94 -5.33 10.12 -16.20
C CYS B 94 -5.75 11.49 -16.80
N ASN B 95 -7.05 11.79 -16.81
CA ASN B 95 -7.50 13.07 -17.31
C ASN B 95 -7.04 14.24 -16.41
N ASP B 96 -7.00 14.06 -15.07
CA ASP B 96 -6.37 15.10 -14.18
C ASP B 96 -4.93 15.42 -14.69
N VAL B 97 -4.11 14.39 -14.89
CA VAL B 97 -2.68 14.59 -15.25
C VAL B 97 -2.57 15.26 -16.62
N LEU B 98 -3.38 14.75 -17.56
CA LEU B 98 -3.37 15.20 -18.97
C LEU B 98 -3.73 16.67 -19.11
N SER B 99 -4.64 17.09 -18.25
CA SER B 99 -5.09 18.46 -18.18
C SER B 99 -4.02 19.40 -17.52
N LEU B 100 -3.30 18.97 -16.49
CA LEU B 100 -2.07 19.70 -16.01
C LEU B 100 -1.01 19.88 -17.10
N LEU B 101 -0.73 18.80 -17.86
CA LEU B 101 0.26 18.86 -18.96
C LEU B 101 -0.08 19.91 -20.03
N GLU B 102 -1.35 20.00 -20.41
CA GLU B 102 -1.77 20.85 -21.50
C GLU B 102 -1.99 22.31 -21.13
N LYS B 103 -2.40 22.56 -19.88
CA LYS B 103 -2.75 23.94 -19.47
C LYS B 103 -1.57 24.73 -18.88
N PHE B 104 -0.66 24.02 -18.18
CA PHE B 104 0.47 24.59 -17.42
C PHE B 104 1.85 24.07 -17.84
N LEU B 105 2.09 22.75 -17.79
CA LEU B 105 3.48 22.25 -17.90
C LEU B 105 4.17 22.34 -19.29
N ILE B 106 3.55 21.81 -20.34
CA ILE B 106 4.12 21.89 -21.66
C ILE B 106 4.32 23.35 -22.20
N PRO B 107 3.32 24.26 -22.03
CA PRO B 107 3.51 25.67 -22.47
C PRO B 107 4.68 26.43 -21.79
N ASN B 108 4.85 26.34 -20.46
CA ASN B 108 5.98 26.99 -19.80
C ASN B 108 7.35 26.28 -19.87
N ALA B 109 7.46 25.12 -20.55
CA ALA B 109 8.72 24.38 -20.53
C ALA B 109 9.79 25.11 -21.35
N SER B 110 10.83 25.65 -20.70
CA SER B 110 11.80 26.56 -21.39
C SER B 110 13.08 25.91 -21.92
N GLN B 111 13.31 24.63 -21.59
CA GLN B 111 14.50 23.85 -22.10
C GLN B 111 14.10 22.57 -22.86
N ALA B 112 14.96 22.13 -23.78
CA ALA B 112 14.71 20.87 -24.51
C ALA B 112 14.46 19.69 -23.53
N GLU B 113 15.31 19.62 -22.54
CA GLU B 113 15.26 18.54 -21.57
C GLU B 113 13.89 18.44 -20.88
N SER B 114 13.27 19.58 -20.55
CA SER B 114 11.99 19.53 -19.84
C SER B 114 10.76 19.32 -20.75
N LYS B 115 10.84 19.78 -21.98
CA LYS B 115 9.90 19.51 -23.05
C LYS B 115 9.83 17.97 -23.34
N VAL B 116 10.98 17.34 -23.61
CA VAL B 116 11.07 15.90 -23.63
C VAL B 116 10.41 15.18 -22.40
N PHE B 117 10.78 15.55 -21.16
CA PHE B 117 10.15 15.01 -19.92
C PHE B 117 8.60 15.00 -19.94
N TYR B 118 8.00 16.14 -20.25
CA TYR B 118 6.54 16.30 -20.28
C TYR B 118 5.84 15.63 -21.44
N LEU B 119 6.47 15.63 -22.61
CA LEU B 119 5.90 14.90 -23.77
C LEU B 119 5.90 13.35 -23.57
N LYS B 120 6.98 12.87 -22.96
CA LYS B 120 7.07 11.49 -22.53
C LYS B 120 6.02 11.15 -21.49
N MET B 121 5.64 12.10 -20.64
CA MET B 121 4.63 11.84 -19.62
C MET B 121 3.24 11.76 -20.24
N LYS B 122 3.04 12.56 -21.29
CA LYS B 122 1.81 12.64 -22.03
C LYS B 122 1.61 11.33 -22.84
N GLY B 123 2.67 10.83 -23.46
CA GLY B 123 2.61 9.50 -24.07
C GLY B 123 2.22 8.41 -23.07
N ASP B 124 2.88 8.34 -21.91
CA ASP B 124 2.57 7.36 -20.85
C ASP B 124 1.09 7.36 -20.38
N TYR B 125 0.50 8.51 -20.14
CA TYR B 125 -0.83 8.57 -19.60
C TYR B 125 -1.91 8.32 -20.64
N TYR B 126 -1.69 8.69 -21.90
CA TYR B 126 -2.58 8.18 -22.98
C TYR B 126 -2.44 6.63 -23.15
N ARG B 127 -1.20 6.12 -23.06
CA ARG B 127 -1.01 4.66 -23.08
C ARG B 127 -1.81 3.92 -21.94
N TYR B 128 -1.89 4.54 -20.75
CA TYR B 128 -2.65 3.94 -19.67
C TYR B 128 -4.12 3.90 -20.00
N LEU B 129 -4.64 4.98 -20.61
CA LEU B 129 -6.01 4.97 -21.15
C LEU B 129 -6.18 3.89 -22.24
N ALA B 130 -5.18 3.69 -23.08
CA ALA B 130 -5.30 2.68 -24.17
C ALA B 130 -5.52 1.28 -23.60
N GLU B 131 -4.82 0.90 -22.51
CA GLU B 131 -4.94 -0.43 -21.87
C GLU B 131 -6.39 -0.84 -21.50
N VAL B 132 -7.20 0.12 -21.11
CA VAL B 132 -8.56 -0.14 -20.67
C VAL B 132 -9.58 0.38 -21.71
N ALA B 133 -9.14 0.84 -22.89
CA ALA B 133 -10.15 1.28 -23.87
C ALA B 133 -10.64 0.08 -24.72
N ALA B 134 -11.89 0.22 -25.15
CA ALA B 134 -12.52 -0.79 -26.04
C ALA B 134 -13.14 -0.14 -27.28
N GLY B 135 -12.86 -0.74 -28.44
CA GLY B 135 -13.53 -0.43 -29.71
C GLY B 135 -13.47 0.99 -30.27
N ASP B 136 -14.56 1.72 -30.05
CA ASP B 136 -14.81 2.99 -30.76
C ASP B 136 -13.78 4.07 -30.40
N ASP B 137 -13.47 4.23 -29.12
CA ASP B 137 -12.55 5.31 -28.71
C ASP B 137 -11.06 4.98 -28.85
N LYS B 138 -10.77 3.70 -28.93
CA LYS B 138 -9.42 3.21 -28.85
C LYS B 138 -8.47 3.78 -29.93
N LYS B 139 -8.88 3.76 -31.20
CA LYS B 139 -8.01 4.30 -32.25
C LYS B 139 -7.56 5.75 -31.96
N GLY B 140 -8.47 6.58 -31.49
CA GLY B 140 -8.18 8.02 -31.22
C GLY B 140 -7.18 8.21 -30.08
N ILE B 141 -7.40 7.43 -29.02
CA ILE B 141 -6.53 7.41 -27.87
C ILE B 141 -5.09 6.92 -28.18
N VAL B 142 -4.97 5.82 -28.95
CA VAL B 142 -3.69 5.22 -29.40
C VAL B 142 -2.90 6.19 -30.29
N ASP B 143 -3.61 6.89 -31.14
CA ASP B 143 -3.02 7.97 -31.91
C ASP B 143 -2.43 9.14 -31.11
N GLN B 144 -3.13 9.59 -30.09
CA GLN B 144 -2.63 10.65 -29.20
C GLN B 144 -1.36 10.22 -28.40
N SER B 145 -1.30 8.95 -27.97
CA SER B 145 -0.10 8.41 -27.32
C SER B 145 1.10 8.38 -28.25
N GLN B 146 0.93 7.80 -29.45
CA GLN B 146 1.99 7.73 -30.46
C GLN B 146 2.52 9.12 -30.90
N GLN B 147 1.69 10.14 -31.01
CA GLN B 147 2.22 11.44 -31.45
C GLN B 147 3.03 12.19 -30.41
N ALA B 148 2.62 12.08 -29.15
CA ALA B 148 3.35 12.65 -28.01
C ALA B 148 4.73 11.98 -27.95
N TYR B 149 4.77 10.63 -28.04
CA TYR B 149 6.04 9.88 -27.99
C TYR B 149 6.96 10.27 -29.13
N GLN B 150 6.38 10.34 -30.34
CA GLN B 150 7.15 10.63 -31.54
C GLN B 150 7.83 12.04 -31.54
N GLU B 151 7.08 13.06 -31.18
CA GLU B 151 7.68 14.41 -30.98
C GLU B 151 8.84 14.45 -29.90
N ALA B 152 8.63 13.84 -28.72
CA ALA B 152 9.72 13.68 -27.73
C ALA B 152 10.95 12.97 -28.29
N PHE B 153 10.73 11.94 -29.12
CA PHE B 153 11.82 11.10 -29.66
C PHE B 153 12.67 11.95 -30.59
N GLU B 154 11.99 12.77 -31.41
CA GLU B 154 12.74 13.62 -32.37
C GLU B 154 13.55 14.70 -31.66
N ILE B 155 12.94 15.44 -30.74
CA ILE B 155 13.72 16.42 -29.94
C ILE B 155 14.94 15.79 -29.20
N SER B 156 14.75 14.64 -28.54
CA SER B 156 15.87 14.07 -27.80
C SER B 156 17.02 13.60 -28.69
N LYS B 157 16.73 13.10 -29.88
CA LYS B 157 17.78 12.71 -30.83
C LYS B 157 18.64 13.95 -31.28
N LYS B 158 17.99 15.07 -31.47
CA LYS B 158 18.67 16.27 -31.88
C LYS B 158 19.43 16.96 -30.70
N GLU B 159 18.91 16.91 -29.47
CA GLU B 159 19.47 17.74 -28.36
C GLU B 159 20.19 17.04 -27.17
N MET B 160 20.13 15.70 -27.07
CA MET B 160 20.66 15.01 -25.90
C MET B 160 21.65 13.92 -26.30
N GLN B 161 22.61 13.65 -25.42
CA GLN B 161 23.59 12.59 -25.57
C GLN B 161 22.95 11.15 -25.50
N PRO B 162 23.46 10.16 -26.25
CA PRO B 162 22.82 8.82 -26.13
C PRO B 162 22.83 8.16 -24.74
N THR B 163 23.63 8.69 -23.80
CA THR B 163 23.61 8.20 -22.39
C THR B 163 22.73 8.98 -21.42
N HIS B 164 22.06 10.05 -21.88
CA HIS B 164 21.19 10.86 -20.99
C HIS B 164 20.00 10.01 -20.47
N PRO B 165 19.73 10.02 -19.15
CA PRO B 165 18.67 9.15 -18.58
C PRO B 165 17.25 9.40 -19.13
N ILE B 166 16.95 10.67 -19.44
CA ILE B 166 15.66 11.02 -19.97
C ILE B 166 15.46 10.52 -21.38
N ARG B 167 16.53 10.57 -22.19
CA ARG B 167 16.54 10.05 -23.53
C ARG B 167 16.40 8.49 -23.53
N LEU B 168 17.18 7.82 -22.69
CA LEU B 168 17.04 6.38 -22.52
C LEU B 168 15.63 5.98 -22.05
N GLY B 169 15.16 6.62 -20.98
CA GLY B 169 13.83 6.29 -20.39
C GLY B 169 12.68 6.37 -21.44
N LEU B 170 12.77 7.36 -22.32
CA LEU B 170 11.85 7.50 -23.41
C LEU B 170 11.96 6.35 -24.38
N ALA B 171 13.16 6.01 -24.84
CA ALA B 171 13.29 4.83 -25.74
C ALA B 171 12.71 3.56 -25.09
N LEU B 172 12.98 3.33 -23.80
CA LEU B 172 12.34 2.15 -23.11
C LEU B 172 10.81 2.13 -23.19
N ASN B 173 10.14 3.24 -22.87
CA ASN B 173 8.69 3.24 -22.82
C ASN B 173 7.99 3.22 -24.26
N PHE B 174 8.61 3.89 -25.24
CA PHE B 174 8.13 3.98 -26.61
C PHE B 174 8.25 2.57 -27.21
N SER B 175 9.35 1.88 -26.94
CA SER B 175 9.39 0.46 -27.38
C SER B 175 8.37 -0.44 -26.70
N VAL B 176 7.98 -0.15 -25.44
CA VAL B 176 6.90 -0.91 -24.77
C VAL B 176 5.58 -0.65 -25.47
N PHE B 177 5.33 0.61 -25.83
CA PHE B 177 4.17 0.98 -26.64
C PHE B 177 4.01 0.18 -27.97
N TYR B 178 5.08 0.07 -28.76
CA TYR B 178 5.09 -0.75 -29.95
C TYR B 178 4.73 -2.20 -29.69
N TYR B 179 5.33 -2.82 -28.65
CA TYR B 179 5.16 -4.20 -28.38
C TYR B 179 3.74 -4.51 -27.91
N GLU B 180 3.19 -3.66 -27.06
CA GLU B 180 2.07 -4.05 -26.24
C GLU B 180 0.78 -3.38 -26.66
N ILE B 181 0.89 -2.18 -27.22
CA ILE B 181 -0.28 -1.45 -27.70
C ILE B 181 -0.48 -1.61 -29.21
N LEU B 182 0.58 -1.48 -30.00
CA LEU B 182 0.47 -1.58 -31.45
C LEU B 182 0.65 -2.98 -32.02
N ASN B 183 1.15 -3.92 -31.22
CA ASN B 183 1.52 -5.25 -31.68
C ASN B 183 2.60 -5.37 -32.74
N SER B 184 3.70 -4.64 -32.53
CA SER B 184 4.77 -4.67 -33.50
C SER B 184 6.05 -5.10 -32.85
N PRO B 185 6.19 -6.40 -32.56
CA PRO B 185 7.37 -6.88 -31.84
C PRO B 185 8.68 -6.52 -32.54
N GLU B 186 8.70 -6.47 -33.88
CA GLU B 186 9.93 -6.25 -34.62
C GLU B 186 10.40 -4.80 -34.52
N LYS B 187 9.46 -3.84 -34.57
CA LYS B 187 9.81 -2.42 -34.33
C LYS B 187 10.22 -2.13 -32.81
N ALA B 188 9.58 -2.81 -31.88
CA ALA B 188 9.91 -2.72 -30.50
C ALA B 188 11.34 -3.19 -30.24
N CYS B 189 11.72 -4.34 -30.83
CA CYS B 189 13.07 -4.88 -30.66
C CYS B 189 14.13 -3.99 -31.28
N SER B 190 13.87 -3.46 -32.46
CA SER B 190 14.92 -2.74 -33.09
C SER B 190 15.11 -1.31 -32.47
N LEU B 191 14.02 -0.73 -31.97
CA LEU B 191 14.10 0.51 -31.18
C LEU B 191 14.97 0.34 -29.92
N ALA B 192 14.74 -0.77 -29.18
CA ALA B 192 15.49 -1.05 -27.92
C ALA B 192 16.95 -1.39 -28.10
N LYS B 193 17.24 -2.16 -29.14
CA LYS B 193 18.59 -2.53 -29.48
C LYS B 193 19.48 -1.35 -29.93
N THR B 194 18.98 -0.51 -30.82
CA THR B 194 19.68 0.75 -31.22
C THR B 194 20.01 1.65 -29.98
N ALA B 195 19.02 1.87 -29.12
CA ALA B 195 19.22 2.67 -27.88
C ALA B 195 20.31 2.05 -26.94
N PHE B 196 20.28 0.73 -26.73
CA PHE B 196 21.32 0.03 -25.93
C PHE B 196 22.71 0.19 -26.58
N ASP B 197 22.87 -0.23 -27.86
CA ASP B 197 24.16 -0.09 -28.62
C ASP B 197 24.74 1.34 -28.73
N GLU B 198 23.93 2.36 -28.99
CA GLU B 198 24.54 3.68 -29.07
C GLU B 198 25.02 4.18 -27.72
N ALA B 199 24.37 3.77 -26.63
CA ALA B 199 24.80 4.14 -25.27
C ALA B 199 26.10 3.43 -24.90
N ILE B 200 26.18 2.13 -25.16
CA ILE B 200 27.42 1.36 -24.98
C ILE B 200 28.60 2.02 -25.78
N ALA B 201 28.37 2.41 -27.02
CA ALA B 201 29.44 3.05 -27.80
C ALA B 201 30.00 4.33 -27.15
N GLU B 202 29.26 4.95 -26.24
CA GLU B 202 29.74 6.22 -25.72
C GLU B 202 29.97 6.27 -24.24
N LEU B 203 30.25 5.14 -23.60
CA LEU B 203 30.30 5.14 -22.10
C LEU B 203 31.37 5.96 -21.34
N ASP B 204 32.48 6.28 -22.01
CA ASP B 204 33.47 7.18 -21.43
C ASP B 204 32.91 8.57 -21.15
N THR B 205 31.63 8.81 -21.45
CA THR B 205 31.06 10.14 -21.33
C THR B 205 29.81 10.25 -20.47
N LEU B 206 29.84 9.61 -19.30
CA LEU B 206 28.75 9.71 -18.34
C LEU B 206 29.26 10.24 -17.01
N SER B 207 28.62 11.29 -16.49
CA SER B 207 29.06 11.90 -15.23
C SER B 207 28.68 11.21 -13.92
N GLU B 208 29.09 11.79 -12.80
CA GLU B 208 28.70 11.26 -11.49
C GLU B 208 27.18 11.28 -11.28
N GLU B 209 26.54 12.38 -11.68
CA GLU B 209 25.09 12.57 -11.49
C GLU B 209 24.23 11.43 -12.10
N SER B 210 24.24 11.30 -13.42
CA SER B 210 23.30 10.40 -14.13
C SER B 210 23.82 8.98 -14.46
N TYR B 211 24.95 8.61 -13.87
CA TYR B 211 25.57 7.32 -14.14
C TYR B 211 25.23 6.14 -13.22
N LYS B 212 24.01 6.16 -12.67
CA LYS B 212 23.52 5.09 -11.84
C LYS B 212 22.10 4.89 -12.32
N ASP B 213 21.55 5.98 -12.85
CA ASP B 213 20.25 5.96 -13.54
C ASP B 213 20.37 5.45 -14.99
N SER B 214 21.41 5.87 -15.70
CA SER B 214 21.61 5.50 -17.07
C SER B 214 21.83 4.02 -17.23
N THR B 215 22.74 3.47 -16.42
CA THR B 215 23.02 2.05 -16.46
C THR B 215 21.91 1.19 -15.92
N LEU B 216 21.06 1.66 -15.01
CA LEU B 216 19.90 0.82 -14.64
C LEU B 216 18.84 0.71 -15.78
N ILE B 217 18.67 1.78 -16.57
CA ILE B 217 17.77 1.73 -17.72
C ILE B 217 18.32 0.87 -18.88
N MET B 218 19.64 0.94 -19.10
CA MET B 218 20.30 0.00 -20.00
C MET B 218 20.04 -1.43 -19.62
N GLN B 219 20.09 -1.74 -18.32
CA GLN B 219 19.75 -3.07 -17.83
C GLN B 219 18.32 -3.45 -18.20
N LEU B 220 17.38 -2.52 -18.00
CA LEU B 220 15.94 -2.80 -18.32
C LEU B 220 15.70 -2.98 -19.83
N LEU B 221 16.48 -2.28 -20.67
CA LEU B 221 16.35 -2.45 -22.11
C LEU B 221 16.74 -3.86 -22.55
N ARG B 222 17.89 -4.35 -22.07
CA ARG B 222 18.38 -5.69 -22.42
C ARG B 222 17.45 -6.80 -21.88
N ASP B 223 16.86 -6.57 -20.71
CA ASP B 223 15.96 -7.54 -20.08
C ASP B 223 14.68 -7.69 -20.97
N ASN B 224 14.18 -6.56 -21.53
CA ASN B 224 13.01 -6.60 -22.39
C ASN B 224 13.29 -7.38 -23.68
N LEU B 225 14.48 -7.16 -24.22
CA LEU B 225 14.89 -7.84 -25.45
C LEU B 225 14.90 -9.35 -25.25
N THR B 226 15.62 -9.80 -24.22
CA THR B 226 15.69 -11.23 -23.91
C THR B 226 14.27 -11.82 -23.74
N LEU B 227 13.38 -11.10 -23.04
CA LEU B 227 11.97 -11.53 -22.89
C LEU B 227 11.29 -11.68 -24.27
N TRP B 228 11.50 -10.74 -25.19
CA TRP B 228 10.72 -10.65 -26.42
C TRP B 228 11.31 -11.53 -27.51
N THR B 229 12.49 -12.03 -27.23
CA THR B 229 13.30 -12.79 -28.17
C THR B 229 13.22 -14.30 -27.88
N SER B 230 12.87 -14.65 -26.63
CA SER B 230 12.79 -16.03 -26.15
C SER B 230 11.65 -16.88 -26.78
N PRO C 1 14.13 -5.86 13.11
CA PRO C 1 14.18 -5.49 14.52
C PRO C 1 12.84 -5.53 15.32
N ARG C 2 11.67 -5.20 14.73
CA ARG C 2 10.41 -5.02 15.51
C ARG C 2 9.90 -6.30 16.23
N ARG C 3 9.51 -6.20 17.51
CA ARG C 3 8.87 -7.33 18.25
C ARG C 3 7.62 -7.90 17.52
N ASN C 4 7.30 -9.19 17.71
CA ASN C 4 6.10 -9.78 17.03
C ASN C 4 4.76 -9.66 17.77
N LEU C 6 0.40 -10.72 16.43
CA LEU C 6 -0.36 -11.54 15.47
C LEU C 6 -1.90 -11.33 15.61
N PRO C 7 -2.65 -11.12 14.51
CA PRO C 7 -2.28 -11.37 13.10
C PRO C 7 -1.23 -10.38 12.55
N ALA C 8 -0.41 -10.86 11.62
CA ALA C 8 0.50 -9.97 10.88
C ALA C 8 -0.16 -9.32 9.62
N MET C 9 0.42 -8.21 9.18
CA MET C 9 -0.07 -7.43 8.02
C MET C 9 0.81 -7.67 6.78
N ARG D 1 6.25 -8.54 -15.95
CA ARG D 1 6.08 -8.49 -17.45
C ARG D 1 7.25 -7.75 -18.09
N SER D 2 6.97 -7.04 -19.18
CA SER D 2 7.81 -5.96 -19.71
C SER D 2 8.10 -4.88 -18.64
N ALA D 3 9.33 -4.40 -18.59
CA ALA D 3 9.68 -3.28 -17.72
C ALA D 3 9.45 -1.96 -18.47
N PHE D 5 9.71 2.48 -17.19
CA PHE D 5 10.04 3.26 -15.98
C PHE D 5 10.29 4.77 -16.12
N SER D 6 10.14 5.42 -14.97
CA SER D 6 10.20 6.88 -14.82
C SER D 6 11.13 7.31 -13.66
#